data_4O6L
#
_entry.id   4O6L
#
_cell.length_a   153.232
_cell.length_b   70.260
_cell.length_c   106.889
_cell.angle_alpha   90.00
_cell.angle_beta   133.14
_cell.angle_gamma   90.00
#
_symmetry.space_group_name_H-M   'C 1 2 1'
#
loop_
_entity.id
_entity.type
_entity.pdbx_description
1 polymer 'Dual specificity protein kinase TTK'
2 non-polymer N-[(1R)-1-(2-chlorophenyl)propyl]-3-{4-[(1-methylpiperidin-4-yl)oxy]phenyl}-1H-indazole-5-carboxamide
3 non-polymer GLYCEROL
4 water water
#
_entity_poly.entity_id   1
_entity_poly.type   'polypeptide(L)'
_entity_poly.pdbx_seq_one_letter_code
;NECISVKGRIYSILKQIGSGGSSKVFQVLNEKKQIYAIKYVNLEEADNQTLDSYRNEIAYLNKLQQHSDKIIRLYDYEIT
DQYIYMVMECGNIDLNSWLKKKKSIDPWERKSYWKNMLEAVHTIHQHGIVHSDLKPANFLIVDGMLKLIDFGIANQMQPD
(TPO)(TPO)(SEP)VVKDSQVGTVNYMPPEAIKDMSSSRENGKSKSKISPKSDVWSLGCILYYMTYGKTPFQQIINQIS
KLHAIIDPNHEIEFPDIPEKDLQDVLKCCLKRDPKQRISIPELLAHPYVQIQT
;
_entity_poly.pdbx_strand_id   A,B
#
# COMPACT_ATOMS: atom_id res chain seq x y z
N ASN A 1 -12.80 -7.70 0.43
CA ASN A 1 -12.28 -9.00 0.02
C ASN A 1 -12.71 -9.40 -1.41
N GLU A 2 -12.33 -8.60 -2.40
CA GLU A 2 -12.58 -8.95 -3.80
C GLU A 2 -11.44 -9.85 -4.27
N CYS A 3 -11.76 -11.01 -4.85
CA CYS A 3 -10.74 -11.89 -5.39
C CYS A 3 -10.64 -11.88 -6.93
N ILE A 4 -9.64 -12.58 -7.46
CA ILE A 4 -9.46 -12.75 -8.90
C ILE A 4 -8.91 -14.16 -9.19
N SER A 5 -9.52 -14.87 -10.14
CA SER A 5 -8.98 -16.17 -10.55
C SER A 5 -8.23 -16.04 -11.88
N VAL A 6 -7.02 -16.58 -11.95
CA VAL A 6 -6.26 -16.62 -13.18
C VAL A 6 -5.67 -18.00 -13.40
N LYS A 7 -6.08 -18.68 -14.47
CA LYS A 7 -5.62 -20.04 -14.77
C LYS A 7 -5.82 -21.00 -13.57
N GLY A 8 -6.96 -20.88 -12.91
CA GLY A 8 -7.29 -21.73 -11.77
C GLY A 8 -6.55 -21.41 -10.47
N ARG A 9 -6.14 -20.16 -10.29
CA ARG A 9 -5.48 -19.74 -9.04
C ARG A 9 -6.12 -18.46 -8.50
N ILE A 10 -6.47 -18.47 -7.23
CA ILE A 10 -7.18 -17.33 -6.63
C ILE A 10 -6.20 -16.31 -6.06
N TYR A 11 -6.45 -15.04 -6.32
CA TYR A 11 -5.64 -13.97 -5.75
C TYR A 11 -6.53 -12.96 -5.04
N SER A 12 -6.10 -12.53 -3.86
CA SER A 12 -6.84 -11.55 -3.08
C SER A 12 -6.27 -10.17 -3.32
N ILE A 13 -7.18 -9.22 -3.57
CA ILE A 13 -6.76 -7.86 -3.91
C ILE A 13 -6.37 -7.07 -2.67
N LEU A 14 -5.10 -6.66 -2.59
CA LEU A 14 -4.66 -5.79 -1.51
C LEU A 14 -5.10 -4.34 -1.74
N LYS A 15 -4.72 -3.81 -2.90
CA LYS A 15 -5.18 -2.49 -3.32
C LYS A 15 -4.97 -2.28 -4.81
N GLN A 16 -5.69 -1.30 -5.35
CA GLN A 16 -5.52 -0.90 -6.74
C GLN A 16 -4.38 0.12 -6.82
N ILE A 17 -3.33 -0.20 -7.57
CA ILE A 17 -2.21 0.72 -7.71
C ILE A 17 -2.15 1.54 -8.99
N GLY A 18 -3.03 1.26 -9.94
CA GLY A 18 -3.16 2.12 -11.09
C GLY A 18 -4.34 1.73 -11.95
N SER A 19 -4.89 2.69 -12.67
CA SER A 19 -5.99 2.39 -13.57
C SER A 19 -6.03 3.39 -14.71
N GLY A 20 -6.56 2.94 -15.85
CA GLY A 20 -7.03 3.85 -16.88
C GLY A 20 -7.72 3.11 -18.02
N GLY A 21 -8.69 3.78 -18.65
CA GLY A 21 -9.48 3.16 -19.69
C GLY A 21 -10.17 1.85 -19.32
N SER A 22 -9.89 0.83 -20.12
CA SER A 22 -10.49 -0.49 -20.05
C SER A 22 -9.71 -1.38 -19.08
N SER A 23 -8.78 -0.75 -18.35
CA SER A 23 -7.73 -1.47 -17.63
C SER A 23 -7.41 -1.03 -16.17
N LYS A 24 -6.85 -1.95 -15.37
CA LYS A 24 -6.48 -1.71 -13.96
C LYS A 24 -5.24 -2.52 -13.54
N VAL A 25 -4.50 -2.02 -12.55
CA VAL A 25 -3.39 -2.76 -11.95
C VAL A 25 -3.60 -2.92 -10.44
N PHE A 26 -3.45 -4.13 -9.90
CA PHE A 26 -3.64 -4.37 -8.46
C PHE A 26 -2.47 -5.10 -7.81
N GLN A 27 -2.19 -4.80 -6.53
CA GLN A 27 -1.30 -5.66 -5.74
C GLN A 27 -2.17 -6.77 -5.22
N VAL A 28 -1.74 -8.03 -5.36
CA VAL A 28 -2.56 -9.13 -4.88
C VAL A 28 -1.75 -10.17 -4.09
N LEU A 29 -2.47 -11.04 -3.38
CA LEU A 29 -1.85 -12.14 -2.67
C LEU A 29 -2.41 -13.49 -3.15
N ASN A 30 -1.54 -14.47 -3.36
CA ASN A 30 -1.95 -15.86 -3.53
C ASN A 30 -2.32 -16.46 -2.17
N GLU A 31 -2.74 -17.72 -2.15
CA GLU A 31 -3.11 -18.38 -0.89
C GLU A 31 -1.93 -18.57 0.08
N LYS A 32 -0.71 -18.56 -0.46
CA LYS A 32 0.48 -18.68 0.38
C LYS A 32 0.92 -17.30 0.88
N LYS A 33 0.09 -16.29 0.59
CA LYS A 33 0.35 -14.91 0.97
C LYS A 33 1.59 -14.30 0.31
N GLN A 34 1.91 -14.78 -0.90
CA GLN A 34 2.96 -14.19 -1.72
C GLN A 34 2.37 -13.05 -2.55
N ILE A 35 3.09 -11.95 -2.66
CA ILE A 35 2.58 -10.75 -3.31
C ILE A 35 2.85 -10.72 -4.85
N TYR A 36 1.87 -10.26 -5.61
CA TYR A 36 2.01 -10.15 -7.06
C TYR A 36 1.36 -8.86 -7.53
N ALA A 37 1.69 -8.42 -8.73
CA ALA A 37 0.92 -7.38 -9.39
C ALA A 37 0.00 -8.09 -10.38
N ILE A 38 -1.24 -7.66 -10.49
CA ILE A 38 -2.10 -8.17 -11.53
C ILE A 38 -2.59 -7.02 -12.38
N LYS A 39 -2.30 -7.10 -13.67
CA LYS A 39 -2.71 -6.11 -14.64
C LYS A 39 -3.96 -6.66 -15.35
N TYR A 40 -5.06 -5.92 -15.28
CA TYR A 40 -6.34 -6.32 -15.85
C TYR A 40 -6.71 -5.40 -17.00
N VAL A 41 -7.17 -5.97 -18.12
CA VAL A 41 -7.74 -5.17 -19.19
C VAL A 41 -9.14 -5.69 -19.55
N ASN A 42 -10.14 -4.81 -19.59
CA ASN A 42 -11.49 -5.24 -20.00
C ASN A 42 -11.63 -5.11 -21.51
N LEU A 43 -11.69 -6.25 -22.19
CA LEU A 43 -11.66 -6.24 -23.63
C LEU A 43 -13.04 -5.90 -24.20
N GLU A 44 -14.09 -6.25 -23.45
CA GLU A 44 -15.48 -5.98 -23.83
C GLU A 44 -15.67 -4.52 -24.27
N GLU A 45 -15.09 -3.60 -23.51
CA GLU A 45 -15.08 -2.19 -23.92
C GLU A 45 -13.80 -1.77 -24.66
N ALA A 46 -12.81 -2.64 -24.73
CA ALA A 46 -11.58 -2.31 -25.47
C ALA A 46 -11.85 -2.15 -26.98
N ASP A 47 -11.09 -1.29 -27.64
CA ASP A 47 -11.21 -1.14 -29.09
C ASP A 47 -10.38 -2.22 -29.78
N ASN A 48 -10.27 -2.13 -31.10
CA ASN A 48 -9.51 -3.14 -31.85
C ASN A 48 -7.99 -3.04 -31.71
N GLN A 49 -7.43 -1.85 -31.91
CA GLN A 49 -5.97 -1.70 -31.86
C GLN A 49 -5.45 -1.89 -30.45
N THR A 50 -6.23 -1.46 -29.45
CA THR A 50 -5.89 -1.75 -28.06
C THR A 50 -5.64 -3.26 -27.90
N LEU A 51 -6.49 -4.05 -28.54
CA LEU A 51 -6.38 -5.51 -28.53
C LEU A 51 -5.05 -5.98 -29.14
N ASP A 52 -4.76 -5.59 -30.39
CA ASP A 52 -3.52 -6.03 -31.02
C ASP A 52 -2.25 -5.49 -30.33
N SER A 53 -2.31 -4.24 -29.88
CA SER A 53 -1.21 -3.66 -29.14
C SER A 53 -0.98 -4.50 -27.87
N TYR A 54 -2.06 -4.96 -27.27
CA TYR A 54 -1.97 -5.76 -26.06
C TYR A 54 -1.50 -7.21 -26.30
N ARG A 55 -1.76 -7.75 -27.48
CA ARG A 55 -1.26 -9.09 -27.82
C ARG A 55 0.24 -9.04 -28.11
N ASN A 56 0.68 -7.93 -28.68
CA ASN A 56 2.08 -7.80 -29.06
C ASN A 56 2.96 -7.63 -27.79
N GLU A 57 2.55 -6.74 -26.89
CA GLU A 57 3.24 -6.53 -25.62
C GLU A 57 3.37 -7.84 -24.82
N ILE A 58 2.29 -8.62 -24.75
CA ILE A 58 2.31 -9.89 -24.01
C ILE A 58 3.29 -10.92 -24.60
N ALA A 59 3.25 -11.09 -25.92
CA ALA A 59 4.19 -11.98 -26.60
C ALA A 59 5.65 -11.55 -26.37
N TYR A 60 5.92 -10.26 -26.47
CA TYR A 60 7.29 -9.79 -26.31
C TYR A 60 7.73 -9.97 -24.84
N LEU A 61 6.89 -9.54 -23.91
CA LEU A 61 7.12 -9.78 -22.49
C LEU A 61 7.46 -11.24 -22.22
N ASN A 62 6.67 -12.14 -22.79
CA ASN A 62 6.95 -13.56 -22.62
C ASN A 62 8.30 -14.00 -23.22
N LYS A 63 8.55 -13.63 -24.48
CA LYS A 63 9.76 -14.05 -25.17
C LYS A 63 11.00 -13.60 -24.41
N LEU A 64 10.95 -12.39 -23.88
CA LEU A 64 12.12 -11.76 -23.27
C LEU A 64 12.41 -12.18 -21.83
N GLN A 65 11.56 -13.02 -21.24
CA GLN A 65 11.77 -13.46 -19.85
C GLN A 65 13.17 -14.06 -19.65
N GLN A 66 13.49 -15.04 -20.49
CA GLN A 66 14.74 -15.78 -20.40
C GLN A 66 16.00 -14.90 -20.48
N HIS A 67 15.92 -13.82 -21.25
CA HIS A 67 17.09 -13.01 -21.59
C HIS A 67 17.58 -12.01 -20.55
N SER A 68 16.66 -11.42 -19.78
CA SER A 68 17.08 -10.47 -18.74
C SER A 68 16.15 -10.42 -17.52
N ASP A 69 16.77 -10.26 -16.34
CA ASP A 69 16.03 -10.08 -15.11
C ASP A 69 15.81 -8.59 -14.88
N LYS A 70 16.24 -7.77 -15.83
CA LYS A 70 15.99 -6.34 -15.75
C LYS A 70 14.68 -6.03 -16.47
N ILE A 71 14.06 -7.08 -17.01
CA ILE A 71 12.69 -7.00 -17.48
C ILE A 71 11.79 -7.62 -16.41
N ILE A 72 10.72 -6.93 -16.05
CA ILE A 72 9.75 -7.45 -15.10
C ILE A 72 9.24 -8.86 -15.51
N ARG A 73 8.93 -9.71 -14.53
CA ARG A 73 8.53 -11.09 -14.84
C ARG A 73 7.02 -11.21 -15.06
N LEU A 74 6.64 -11.97 -16.08
CA LEU A 74 5.24 -12.37 -16.25
C LEU A 74 5.12 -13.85 -15.87
N TYR A 75 4.47 -14.11 -14.73
CA TYR A 75 4.39 -15.47 -14.19
C TYR A 75 3.30 -16.27 -14.88
N ASP A 76 2.21 -15.60 -15.20
CA ASP A 76 1.13 -16.23 -15.90
C ASP A 76 0.21 -15.16 -16.44
N TYR A 77 -0.76 -15.59 -17.26
CA TYR A 77 -1.70 -14.66 -17.86
C TYR A 77 -2.93 -15.41 -18.34
N GLU A 78 -4.00 -14.67 -18.59
CA GLU A 78 -5.22 -15.25 -19.15
C GLU A 78 -5.81 -14.28 -20.14
N ILE A 79 -6.09 -14.78 -21.34
CA ILE A 79 -6.72 -13.95 -22.35
C ILE A 79 -8.02 -14.59 -22.85
N THR A 80 -9.07 -13.78 -22.90
CA THR A 80 -10.35 -14.19 -23.46
C THR A 80 -10.80 -13.05 -24.36
N ASP A 81 -11.84 -13.29 -25.14
CA ASP A 81 -12.44 -12.20 -25.90
C ASP A 81 -12.86 -11.09 -24.92
N GLN A 82 -13.25 -11.49 -23.71
CA GLN A 82 -13.71 -10.55 -22.66
C GLN A 82 -12.62 -9.76 -21.89
N TYR A 83 -11.56 -10.43 -21.46
CA TYR A 83 -10.59 -9.78 -20.56
C TYR A 83 -9.15 -10.26 -20.76
N ILE A 84 -8.21 -9.49 -20.18
CA ILE A 84 -6.84 -9.94 -19.98
C ILE A 84 -6.45 -9.82 -18.51
N TYR A 85 -5.92 -10.89 -17.89
CA TYR A 85 -5.24 -10.79 -16.60
C TYR A 85 -3.78 -11.12 -16.80
N MET A 86 -2.89 -10.28 -16.29
CA MET A 86 -1.46 -10.57 -16.32
C MET A 86 -0.90 -10.62 -14.88
N VAL A 87 -0.37 -11.78 -14.50
CA VAL A 87 0.23 -11.91 -13.19
C VAL A 87 1.73 -11.63 -13.30
N MET A 88 2.16 -10.55 -12.66
CA MET A 88 3.53 -10.09 -12.74
C MET A 88 4.13 -9.91 -11.36
N GLU A 89 5.45 -10.00 -11.28
CA GLU A 89 6.18 -9.70 -10.04
C GLU A 89 5.77 -8.33 -9.52
N CYS A 90 5.69 -8.22 -8.19
CA CYS A 90 5.29 -6.97 -7.58
C CYS A 90 6.52 -6.23 -7.12
N GLY A 91 6.58 -4.95 -7.42
CA GLY A 91 7.69 -4.14 -6.98
C GLY A 91 7.31 -3.29 -5.78
N ASN A 92 8.30 -2.61 -5.22
CA ASN A 92 8.08 -1.77 -4.06
C ASN A 92 7.48 -0.41 -4.45
N ILE A 93 8.05 0.23 -5.44
CA ILE A 93 7.56 1.51 -5.93
C ILE A 93 8.13 1.73 -7.36
N ASP A 94 7.46 2.53 -8.17
CA ASP A 94 7.98 2.86 -9.51
C ASP A 94 9.03 3.95 -9.33
N LEU A 95 9.95 4.09 -10.29
CA LEU A 95 11.04 5.06 -10.19
C LEU A 95 10.53 6.50 -10.22
N ASN A 96 9.40 6.76 -10.88
CA ASN A 96 8.91 8.15 -10.89
C ASN A 96 8.43 8.62 -9.51
N SER A 97 7.67 7.78 -8.82
CA SER A 97 7.15 8.14 -7.51
C SER A 97 8.28 8.31 -6.49
N TRP A 98 9.33 7.50 -6.65
CA TRP A 98 10.46 7.55 -5.73
C TRP A 98 11.29 8.82 -5.90
N LEU A 99 11.49 9.24 -7.13
CA LEU A 99 12.19 10.47 -7.44
C LEU A 99 11.42 11.71 -6.97
N LYS A 100 10.11 11.56 -6.77
CA LYS A 100 9.30 12.67 -6.27
C LYS A 100 9.40 12.84 -4.75
N LYS A 101 9.92 11.82 -4.07
CA LYS A 101 10.19 11.93 -2.63
C LYS A 101 11.31 12.95 -2.34
N LYS A 102 11.95 13.43 -3.39
CA LYS A 102 12.86 14.59 -3.33
C LYS A 102 14.05 14.41 -2.39
N LYS A 103 14.42 13.18 -2.10
CA LYS A 103 15.49 12.97 -1.13
C LYS A 103 16.84 12.91 -1.82
N SER A 104 17.90 12.75 -1.04
CA SER A 104 19.24 12.58 -1.60
C SER A 104 19.26 11.27 -2.38
N ILE A 105 19.98 11.25 -3.50
CA ILE A 105 20.22 10.00 -4.18
C ILE A 105 21.70 9.61 -4.12
N ASP A 106 21.96 8.42 -3.59
CA ASP A 106 23.30 7.86 -3.47
C ASP A 106 23.87 7.71 -4.89
N PRO A 107 24.95 8.44 -5.19
CA PRO A 107 25.59 8.41 -6.51
C PRO A 107 25.92 6.98 -6.92
N TRP A 108 26.21 6.13 -5.94
CA TRP A 108 26.44 4.72 -6.20
C TRP A 108 25.16 3.98 -6.63
N GLU A 109 24.03 4.39 -6.07
CA GLU A 109 22.75 3.79 -6.42
C GLU A 109 22.24 4.36 -7.75
N ARG A 110 22.52 5.64 -8.00
CA ARG A 110 22.17 6.25 -9.27
C ARG A 110 22.84 5.52 -10.43
N LYS A 111 24.10 5.13 -10.24
CA LYS A 111 24.81 4.43 -11.31
C LYS A 111 24.40 2.96 -11.43
N SER A 112 24.05 2.33 -10.31
CA SER A 112 23.55 0.97 -10.32
C SER A 112 22.20 0.93 -11.06
N TYR A 113 21.43 2.01 -10.91
CA TYR A 113 20.13 2.13 -11.53
C TYR A 113 20.32 2.35 -13.01
N TRP A 114 21.28 3.23 -13.32
CA TRP A 114 21.58 3.56 -14.70
C TRP A 114 21.99 2.28 -15.40
N LYS A 115 22.75 1.44 -14.71
CA LYS A 115 23.22 0.20 -15.31
C LYS A 115 22.05 -0.72 -15.66
N ASN A 116 21.18 -0.98 -14.67
CA ASN A 116 19.97 -1.77 -14.86
C ASN A 116 19.14 -1.29 -16.05
N MET A 117 18.90 0.01 -16.12
CA MET A 117 18.13 0.60 -17.21
C MET A 117 18.76 0.25 -18.56
N LEU A 118 20.07 0.50 -18.70
CA LEU A 118 20.80 0.22 -19.93
C LEU A 118 20.67 -1.25 -20.28
N GLU A 119 20.77 -2.11 -19.26
CA GLU A 119 20.71 -3.55 -19.52
C GLU A 119 19.32 -3.90 -20.06
N ALA A 120 18.29 -3.32 -19.46
CA ALA A 120 16.92 -3.65 -19.85
C ALA A 120 16.66 -3.12 -21.27
N VAL A 121 16.99 -1.86 -21.51
CA VAL A 121 16.79 -1.29 -22.84
C VAL A 121 17.62 -1.99 -23.92
N HIS A 122 18.88 -2.25 -23.61
CA HIS A 122 19.72 -3.02 -24.52
C HIS A 122 19.06 -4.37 -24.91
N THR A 123 18.41 -5.01 -23.95
CA THR A 123 17.78 -6.30 -24.18
C THR A 123 16.64 -6.17 -25.19
N ILE A 124 15.78 -5.15 -25.04
CA ILE A 124 14.69 -4.96 -25.99
C ILE A 124 15.19 -4.50 -27.37
N HIS A 125 16.28 -3.74 -27.39
CA HIS A 125 16.85 -3.34 -28.66
C HIS A 125 17.38 -4.56 -29.40
N GLN A 126 17.91 -5.53 -28.66
CA GLN A 126 18.46 -6.72 -29.30
C GLN A 126 17.39 -7.52 -30.03
N HIS A 127 16.13 -7.38 -29.60
CA HIS A 127 15.00 -8.01 -30.27
C HIS A 127 14.22 -7.06 -31.20
N GLY A 128 14.77 -5.87 -31.42
CA GLY A 128 14.23 -4.97 -32.41
C GLY A 128 13.11 -4.07 -31.91
N ILE A 129 12.90 -4.07 -30.60
CA ILE A 129 11.94 -3.14 -30.03
C ILE A 129 12.63 -1.85 -29.59
N VAL A 130 12.17 -0.71 -30.12
CA VAL A 130 12.55 0.61 -29.62
C VAL A 130 11.36 1.11 -28.81
N HIS A 131 11.55 1.36 -27.51
CA HIS A 131 10.43 1.69 -26.62
C HIS A 131 9.66 2.96 -27.05
N SER A 132 10.40 4.07 -27.22
CA SER A 132 9.88 5.37 -27.69
C SER A 132 9.12 6.21 -26.67
N ASP A 133 8.68 5.57 -25.61
CA ASP A 133 8.04 6.26 -24.50
C ASP A 133 8.81 6.33 -23.18
N LEU A 134 10.11 6.05 -23.18
CA LEU A 134 10.80 5.88 -21.90
C LEU A 134 10.69 7.10 -20.97
N LYS A 135 10.31 6.80 -19.72
CA LYS A 135 10.02 7.76 -18.65
C LYS A 135 10.39 7.05 -17.36
N PRO A 136 10.59 7.80 -16.26
CA PRO A 136 10.82 7.09 -15.00
C PRO A 136 9.71 6.11 -14.61
N ALA A 137 8.46 6.41 -14.96
CA ALA A 137 7.34 5.55 -14.58
C ALA A 137 7.37 4.18 -15.27
N ASN A 138 8.25 4.03 -16.25
CA ASN A 138 8.38 2.77 -16.94
C ASN A 138 9.31 1.83 -16.19
N PHE A 139 9.84 2.35 -15.09
CA PHE A 139 10.80 1.58 -14.32
C PHE A 139 10.32 1.35 -12.90
N LEU A 140 10.55 0.12 -12.45
CA LEU A 140 10.06 -0.38 -11.19
C LEU A 140 11.26 -0.76 -10.32
N ILE A 141 11.23 -0.35 -9.05
CA ILE A 141 12.28 -0.69 -8.10
C ILE A 141 11.89 -1.96 -7.35
N VAL A 142 12.64 -3.05 -7.56
CA VAL A 142 12.35 -4.34 -6.94
C VAL A 142 13.66 -4.81 -6.35
N ASP A 143 13.69 -4.92 -5.02
CA ASP A 143 14.90 -5.30 -4.30
C ASP A 143 16.12 -4.50 -4.73
N GLY A 144 16.00 -3.17 -4.74
CA GLY A 144 17.14 -2.33 -5.10
C GLY A 144 17.64 -2.47 -6.53
N MET A 145 16.85 -3.11 -7.39
CA MET A 145 17.15 -3.29 -8.81
C MET A 145 16.06 -2.58 -9.61
N LEU A 146 16.43 -1.78 -10.59
CA LEU A 146 15.44 -1.23 -11.52
C LEU A 146 15.04 -2.27 -12.55
N LYS A 147 13.72 -2.44 -12.76
CA LYS A 147 13.24 -3.33 -13.83
C LYS A 147 12.26 -2.63 -14.76
N LEU A 148 12.47 -2.78 -16.07
CA LEU A 148 11.58 -2.21 -17.06
C LEU A 148 10.18 -2.87 -17.02
N ILE A 149 9.13 -2.05 -17.04
CA ILE A 149 7.76 -2.57 -16.95
C ILE A 149 7.12 -2.89 -18.31
N ASP A 150 7.01 -1.89 -19.18
CA ASP A 150 6.37 -2.06 -20.49
C ASP A 150 7.35 -1.89 -21.66
N PHE A 151 6.85 -2.15 -22.87
CA PHE A 151 7.61 -1.93 -24.11
C PHE A 151 7.22 -0.71 -24.92
N GLY A 152 6.28 0.08 -24.41
CA GLY A 152 5.83 1.24 -25.15
C GLY A 152 4.81 0.88 -26.22
N ILE A 153 4.43 -0.39 -26.30
CA ILE A 153 3.50 -0.88 -27.34
C ILE A 153 2.02 -0.66 -26.99
N ALA A 154 1.52 -1.34 -25.97
CA ALA A 154 0.16 -1.13 -25.48
C ALA A 154 0.00 0.27 -24.88
N ASN A 155 -1.23 0.78 -24.83
CA ASN A 155 -1.44 2.12 -24.26
C ASN A 155 -1.24 2.05 -22.74
N GLN A 156 -1.39 3.18 -22.05
CA GLN A 156 -1.00 3.21 -20.63
C GLN A 156 -2.22 3.36 -19.71
N MET A 157 -2.04 2.95 -18.46
CA MET A 157 -2.96 3.30 -17.38
C MET A 157 -2.30 4.35 -16.51
N GLN A 158 -3.02 4.84 -15.50
CA GLN A 158 -2.42 5.84 -14.63
C GLN A 158 -2.46 5.41 -13.18
N PRO A 159 -1.36 5.70 -12.44
CA PRO A 159 -1.20 5.28 -11.04
C PRO A 159 -2.35 5.73 -10.14
N ASP A 160 -2.75 4.85 -9.24
CA ASP A 160 -3.64 5.22 -8.14
C ASP A 160 -2.93 5.01 -6.80
N THR A 172 3.46 14.26 -19.58
CA THR A 172 4.63 15.09 -19.78
C THR A 172 5.22 14.90 -21.20
N VAL A 173 5.70 16.00 -21.78
CA VAL A 173 6.41 16.00 -23.06
C VAL A 173 7.94 16.09 -22.85
N ASN A 174 8.36 16.14 -21.59
CA ASN A 174 9.76 16.40 -21.22
C ASN A 174 10.82 15.43 -21.74
N TYR A 175 10.41 14.21 -22.00
CA TYR A 175 11.33 13.15 -22.40
C TYR A 175 11.39 12.95 -23.94
N MET A 176 10.74 13.84 -24.67
CA MET A 176 10.61 13.71 -26.13
C MET A 176 11.90 14.08 -26.91
N PRO A 177 12.47 13.10 -27.62
CA PRO A 177 13.65 13.35 -28.47
C PRO A 177 13.32 14.27 -29.65
N PRO A 178 14.27 15.12 -30.06
CA PRO A 178 14.05 16.06 -31.17
C PRO A 178 13.65 15.39 -32.48
N GLU A 179 14.17 14.19 -32.76
CA GLU A 179 13.80 13.45 -33.96
C GLU A 179 12.29 13.30 -34.07
N ALA A 180 11.69 12.84 -32.96
CA ALA A 180 10.27 12.55 -32.90
C ALA A 180 9.46 13.78 -33.29
N ILE A 181 9.90 14.94 -32.81
CA ILE A 181 9.25 16.20 -33.11
C ILE A 181 9.36 16.61 -34.59
N LYS A 182 10.57 16.58 -35.16
CA LYS A 182 10.74 16.86 -36.60
C LYS A 182 9.97 15.86 -37.46
N ASP A 183 9.77 14.65 -36.92
CA ASP A 183 9.07 13.58 -37.62
C ASP A 183 7.59 13.93 -37.86
N MET A 184 7.15 15.05 -37.30
CA MET A 184 5.79 15.52 -37.54
C MET A 184 5.73 16.22 -38.91
N SER A 185 4.92 15.65 -39.80
CA SER A 185 4.85 16.05 -41.22
C SER A 185 3.91 15.14 -42.00
N ILE A 197 12.06 4.25 -36.87
CA ILE A 197 12.52 5.05 -35.74
C ILE A 197 13.78 4.44 -35.10
N SER A 198 14.66 5.27 -34.58
CA SER A 198 15.96 4.80 -34.14
C SER A 198 15.99 4.37 -32.67
N PRO A 199 16.73 3.29 -32.38
CA PRO A 199 17.08 2.93 -31.01
C PRO A 199 17.74 4.12 -30.29
N LYS A 200 18.35 5.04 -31.03
CA LYS A 200 18.89 6.26 -30.43
C LYS A 200 17.83 7.11 -29.75
N SER A 201 16.57 6.91 -30.10
CA SER A 201 15.50 7.65 -29.44
C SER A 201 15.43 7.29 -27.98
N ASP A 202 15.62 6.02 -27.67
CA ASP A 202 15.62 5.60 -26.28
C ASP A 202 16.80 6.18 -25.49
N VAL A 203 17.92 6.40 -26.17
CA VAL A 203 19.11 6.91 -25.50
C VAL A 203 18.81 8.31 -25.03
N TRP A 204 18.17 9.09 -25.89
CA TRP A 204 17.84 10.46 -25.52
C TRP A 204 16.96 10.42 -24.26
N SER A 205 15.89 9.61 -24.30
CA SER A 205 14.98 9.56 -23.14
C SER A 205 15.66 9.06 -21.89
N LEU A 206 16.48 8.02 -22.03
CA LEU A 206 17.28 7.53 -20.92
C LEU A 206 18.15 8.68 -20.40
N GLY A 207 18.75 9.42 -21.33
CA GLY A 207 19.59 10.56 -20.97
C GLY A 207 18.88 11.56 -20.09
N CYS A 208 17.62 11.86 -20.42
CA CYS A 208 16.82 12.80 -19.64
C CYS A 208 16.57 12.25 -18.25
N ILE A 209 16.43 10.93 -18.15
CA ILE A 209 16.17 10.31 -16.87
C ILE A 209 17.40 10.40 -15.99
N LEU A 210 18.58 10.13 -16.55
CA LEU A 210 19.82 10.23 -15.79
C LEU A 210 20.04 11.69 -15.43
N TYR A 211 19.74 12.58 -16.39
CA TYR A 211 19.84 14.01 -16.13
C TYR A 211 19.03 14.40 -14.90
N TYR A 212 17.88 13.76 -14.73
CA TYR A 212 17.00 14.04 -13.63
C TYR A 212 17.55 13.51 -12.31
N MET A 213 18.15 12.32 -12.33
CA MET A 213 18.75 11.75 -11.13
C MET A 213 20.07 12.46 -10.78
N THR A 214 20.51 13.36 -11.65
CA THR A 214 21.76 14.08 -11.48
C THR A 214 21.51 15.51 -10.99
N TYR A 215 20.78 16.29 -11.79
CA TYR A 215 20.43 17.67 -11.48
C TYR A 215 19.04 17.94 -10.87
N GLY A 216 18.26 16.91 -10.56
CA GLY A 216 16.95 17.07 -9.94
C GLY A 216 15.83 17.63 -10.82
N LYS A 217 16.07 17.72 -12.13
CA LYS A 217 15.12 18.30 -13.07
C LYS A 217 15.42 17.78 -14.49
N THR A 218 14.48 17.89 -15.40
CA THR A 218 14.73 17.48 -16.79
C THR A 218 15.30 18.67 -17.57
N PRO A 219 16.00 18.41 -18.70
CA PRO A 219 16.73 19.48 -19.39
C PRO A 219 15.87 20.67 -19.77
N PHE A 220 14.66 20.39 -20.23
CA PHE A 220 13.74 21.43 -20.66
C PHE A 220 12.63 21.79 -19.67
N GLN A 221 12.69 21.19 -18.48
CA GLN A 221 11.64 21.28 -17.45
C GLN A 221 11.16 22.70 -17.18
N GLN A 222 12.10 23.65 -17.16
CA GLN A 222 11.81 25.04 -16.86
C GLN A 222 10.79 25.69 -17.80
N ILE A 223 10.72 25.24 -19.05
CA ILE A 223 9.86 25.90 -20.02
C ILE A 223 8.41 25.48 -19.80
N ILE A 224 7.57 26.45 -19.45
CA ILE A 224 6.18 26.16 -19.12
C ILE A 224 5.34 26.02 -20.40
N ASN A 225 5.57 26.91 -21.35
CA ASN A 225 4.82 26.85 -22.60
C ASN A 225 5.32 25.68 -23.46
N GLN A 226 4.39 24.78 -23.77
CA GLN A 226 4.72 23.52 -24.42
C GLN A 226 5.20 23.71 -25.86
N ILE A 227 4.68 24.74 -26.54
CA ILE A 227 5.15 25.11 -27.87
C ILE A 227 6.61 25.60 -27.84
N SER A 228 6.93 26.47 -26.87
CA SER A 228 8.29 26.94 -26.71
C SER A 228 9.22 25.77 -26.38
N LYS A 229 8.75 24.88 -25.51
CA LYS A 229 9.53 23.73 -25.06
C LYS A 229 9.84 22.74 -26.17
N LEU A 230 8.85 22.47 -27.01
CA LEU A 230 9.05 21.60 -28.15
C LEU A 230 10.06 22.22 -29.11
N HIS A 231 10.01 23.54 -29.22
CA HIS A 231 10.98 24.26 -30.04
C HIS A 231 12.37 24.17 -29.43
N ALA A 232 12.48 24.43 -28.13
CA ALA A 232 13.79 24.41 -27.48
C ALA A 232 14.48 23.05 -27.62
N ILE A 233 13.70 21.97 -27.60
CA ILE A 233 14.26 20.63 -27.80
C ILE A 233 14.87 20.49 -29.19
N ILE A 234 14.20 21.04 -30.20
CA ILE A 234 14.70 20.93 -31.59
C ILE A 234 15.67 22.05 -32.04
N ASP A 235 15.87 23.07 -31.20
CA ASP A 235 16.73 24.21 -31.56
C ASP A 235 18.17 24.04 -31.05
N PRO A 236 19.11 23.82 -31.97
CA PRO A 236 20.52 23.55 -31.61
C PRO A 236 21.15 24.79 -30.99
N ASN A 237 20.58 25.94 -31.27
CA ASN A 237 20.99 27.19 -30.63
C ASN A 237 20.54 27.23 -29.17
N HIS A 238 19.66 26.31 -28.78
CA HIS A 238 19.28 26.22 -27.37
C HIS A 238 20.24 25.27 -26.68
N GLU A 239 21.02 25.81 -25.76
CA GLU A 239 22.09 25.08 -25.13
C GLU A 239 21.57 24.40 -23.86
N ILE A 240 21.73 23.07 -23.79
CA ILE A 240 21.40 22.34 -22.58
C ILE A 240 22.50 22.58 -21.53
N GLU A 241 22.08 23.01 -20.34
CA GLU A 241 23.03 23.26 -19.27
C GLU A 241 23.58 21.93 -18.72
N PHE A 242 24.89 21.92 -18.47
CA PHE A 242 25.51 20.82 -17.74
C PHE A 242 26.43 21.41 -16.67
N PRO A 243 25.87 21.74 -15.50
CA PRO A 243 26.66 22.24 -14.37
C PRO A 243 27.80 21.29 -14.02
N ASP A 244 28.91 21.81 -13.50
CA ASP A 244 30.00 20.92 -13.12
C ASP A 244 29.66 20.16 -11.84
N ILE A 245 30.17 18.93 -11.77
CA ILE A 245 29.84 17.99 -10.70
C ILE A 245 31.04 17.11 -10.40
N PRO A 246 31.11 16.56 -9.17
CA PRO A 246 32.24 15.68 -8.79
C PRO A 246 32.53 14.54 -9.78
N GLU A 247 31.51 13.96 -10.40
CA GLU A 247 31.75 12.85 -11.33
C GLU A 247 31.75 13.42 -12.75
N LYS A 248 32.94 13.53 -13.35
CA LYS A 248 33.10 14.16 -14.65
C LYS A 248 32.70 13.23 -15.78
N ASP A 249 32.78 11.93 -15.49
CA ASP A 249 32.42 10.90 -16.46
C ASP A 249 30.88 10.82 -16.61
N LEU A 250 30.17 10.93 -15.49
CA LEU A 250 28.71 11.05 -15.52
C LEU A 250 28.32 12.24 -16.38
N GLN A 251 29.02 13.36 -16.17
CA GLN A 251 28.76 14.57 -16.94
C GLN A 251 28.97 14.28 -18.43
N ASP A 252 30.00 13.49 -18.74
CA ASP A 252 30.23 13.12 -20.13
C ASP A 252 29.10 12.24 -20.70
N VAL A 253 28.55 11.34 -19.88
CA VAL A 253 27.46 10.49 -20.30
C VAL A 253 26.28 11.37 -20.69
N LEU A 254 25.89 12.25 -19.77
CA LEU A 254 24.80 13.19 -20.01
C LEU A 254 24.94 13.94 -21.32
N LYS A 255 26.13 14.44 -21.60
CA LYS A 255 26.35 15.21 -22.84
C LYS A 255 26.25 14.35 -24.09
N CYS A 256 26.72 13.09 -24.02
CA CYS A 256 26.65 12.22 -25.19
C CYS A 256 25.22 11.71 -25.45
N CYS A 257 24.45 11.47 -24.38
CA CYS A 257 23.04 11.10 -24.52
C CYS A 257 22.22 12.24 -25.11
N LEU A 258 22.53 13.47 -24.69
CA LEU A 258 21.73 14.64 -25.03
C LEU A 258 22.08 15.37 -26.35
N LYS A 259 22.89 14.76 -27.21
CA LYS A 259 23.07 15.38 -28.54
C LYS A 259 21.86 15.22 -29.44
N ARG A 260 21.46 16.32 -30.08
CA ARG A 260 20.25 16.34 -30.90
C ARG A 260 20.35 15.50 -32.18
N ASP A 261 21.57 15.25 -32.64
CA ASP A 261 21.78 14.48 -33.86
C ASP A 261 21.95 13.00 -33.52
N PRO A 262 20.94 12.19 -33.86
CA PRO A 262 20.91 10.77 -33.48
C PRO A 262 22.14 10.02 -33.97
N LYS A 263 22.65 10.40 -35.13
CA LYS A 263 23.89 9.80 -35.62
C LYS A 263 25.10 10.15 -34.73
N GLN A 264 25.13 11.36 -34.19
CA GLN A 264 26.19 11.77 -33.25
C GLN A 264 25.99 11.21 -31.84
N ARG A 265 24.72 11.09 -31.43
CA ARG A 265 24.38 10.61 -30.10
C ARG A 265 24.94 9.20 -29.87
N ILE A 266 25.41 8.96 -28.65
CA ILE A 266 26.00 7.68 -28.30
C ILE A 266 24.96 6.55 -28.38
N SER A 267 25.41 5.34 -28.70
CA SER A 267 24.51 4.20 -28.70
C SER A 267 24.51 3.51 -27.36
N ILE A 268 23.62 2.54 -27.21
CA ILE A 268 23.58 1.77 -25.97
C ILE A 268 24.79 0.85 -25.76
N PRO A 269 25.25 0.13 -26.80
CA PRO A 269 26.39 -0.76 -26.53
C PRO A 269 27.65 0.00 -26.13
N GLU A 270 27.80 1.24 -26.61
CA GLU A 270 28.85 2.18 -26.24
C GLU A 270 28.64 2.60 -24.79
N LEU A 271 27.39 2.88 -24.44
CA LEU A 271 27.08 3.29 -23.07
C LEU A 271 27.45 2.16 -22.15
N LEU A 272 27.31 0.92 -22.64
CA LEU A 272 27.67 -0.24 -21.83
C LEU A 272 29.17 -0.28 -21.53
N ALA A 273 29.99 0.16 -22.50
CA ALA A 273 31.44 0.20 -22.35
C ALA A 273 32.01 1.49 -21.71
N HIS A 274 31.17 2.46 -21.35
CA HIS A 274 31.63 3.76 -20.89
C HIS A 274 32.22 3.66 -19.47
N PRO A 275 33.26 4.47 -19.17
CA PRO A 275 33.89 4.44 -17.83
C PRO A 275 32.88 4.61 -16.68
N TYR A 276 31.85 5.42 -16.89
CA TYR A 276 30.84 5.65 -15.84
C TYR A 276 30.21 4.37 -15.29
N VAL A 277 29.86 3.41 -16.14
CA VAL A 277 29.30 2.16 -15.65
C VAL A 277 30.30 1.04 -15.36
N GLN A 278 31.50 1.17 -15.91
CA GLN A 278 32.53 0.13 -15.80
C GLN A 278 33.59 0.40 -14.73
N ILE A 279 33.52 1.53 -14.04
CA ILE A 279 34.58 1.91 -13.10
C ILE A 279 34.06 2.38 -11.75
N ASN B 1 15.64 -1.66 -1.27
CA ASN B 1 15.75 -0.44 -0.49
C ASN B 1 16.05 -0.74 0.99
N GLU B 2 15.30 -0.16 1.91
CA GLU B 2 15.61 -0.37 3.32
C GLU B 2 14.99 -1.64 3.92
N CYS B 3 15.79 -2.35 4.72
CA CYS B 3 15.38 -3.63 5.28
C CYS B 3 15.31 -3.65 6.81
N ILE B 4 14.52 -4.58 7.35
CA ILE B 4 14.47 -4.84 8.79
C ILE B 4 14.79 -6.31 9.09
N SER B 5 15.79 -6.57 9.92
CA SER B 5 16.08 -7.94 10.31
C SER B 5 15.37 -8.25 11.61
N VAL B 6 14.82 -9.46 11.72
CA VAL B 6 14.22 -9.92 12.97
C VAL B 6 14.54 -11.41 13.15
N LYS B 7 15.14 -11.78 14.30
CA LYS B 7 15.47 -13.17 14.58
C LYS B 7 16.24 -13.84 13.44
N GLY B 8 17.16 -13.09 12.83
CA GLY B 8 17.99 -13.62 11.76
C GLY B 8 17.23 -13.78 10.45
N ARG B 9 16.11 -13.06 10.32
CA ARG B 9 15.37 -13.06 9.06
C ARG B 9 15.21 -11.65 8.55
N ILE B 10 15.56 -11.45 7.28
CA ILE B 10 15.54 -10.12 6.68
C ILE B 10 14.19 -9.87 6.01
N TYR B 11 13.66 -8.65 6.16
CA TYR B 11 12.41 -8.27 5.53
C TYR B 11 12.60 -6.93 4.85
N SER B 12 12.11 -6.83 3.62
CA SER B 12 12.15 -5.59 2.86
C SER B 12 10.86 -4.81 3.11
N ILE B 13 11.00 -3.51 3.34
CA ILE B 13 9.89 -2.62 3.61
C ILE B 13 9.16 -2.22 2.32
N LEU B 14 7.86 -2.49 2.25
CA LEU B 14 7.05 -1.97 1.14
C LEU B 14 6.68 -0.52 1.42
N LYS B 15 5.95 -0.29 2.50
CA LYS B 15 5.61 1.06 2.89
C LYS B 15 5.25 1.10 4.37
N GLN B 16 5.29 2.29 4.94
CA GLN B 16 4.88 2.48 6.33
C GLN B 16 3.36 2.64 6.31
N ILE B 17 2.67 1.85 7.13
CA ILE B 17 1.21 1.91 7.13
C ILE B 17 0.52 2.70 8.24
N GLY B 18 1.29 3.20 9.21
CA GLY B 18 0.73 4.04 10.25
C GLY B 18 1.63 4.35 11.44
N SER B 19 1.11 5.18 12.34
CA SER B 19 1.70 5.37 13.67
C SER B 19 0.56 5.40 14.68
N GLY B 20 0.71 4.59 15.73
CA GLY B 20 -0.23 4.55 16.84
C GLY B 20 0.35 5.04 18.16
N GLY B 21 1.48 5.74 18.11
CA GLY B 21 2.29 5.95 19.30
C GLY B 21 3.75 6.17 18.93
N SER B 22 4.63 5.72 19.82
CA SER B 22 6.04 5.61 19.47
C SER B 22 6.22 4.34 18.62
N SER B 23 5.12 3.65 18.34
CA SER B 23 5.09 2.48 17.45
C SER B 23 4.93 2.83 15.95
N LYS B 24 5.86 2.37 15.13
CA LYS B 24 5.68 2.49 13.67
C LYS B 24 5.35 1.12 13.06
N VAL B 25 4.47 1.11 12.07
CA VAL B 25 4.06 -0.15 11.46
C VAL B 25 4.42 -0.17 9.97
N PHE B 26 4.97 -1.29 9.52
CA PHE B 26 5.40 -1.41 8.14
C PHE B 26 4.86 -2.64 7.44
N GLN B 27 4.41 -2.46 6.21
CA GLN B 27 4.12 -3.58 5.33
C GLN B 27 5.49 -4.08 4.85
N VAL B 28 5.79 -5.36 5.02
CA VAL B 28 7.10 -5.88 4.61
C VAL B 28 7.03 -7.19 3.86
N LEU B 29 8.16 -7.58 3.27
CA LEU B 29 8.22 -8.85 2.55
C LEU B 29 9.39 -9.70 3.02
N ASN B 30 9.15 -10.99 3.22
CA ASN B 30 10.26 -11.89 3.49
C ASN B 30 10.98 -12.27 2.19
N GLU B 31 11.98 -13.13 2.30
CA GLU B 31 12.74 -13.59 1.13
C GLU B 31 11.85 -14.27 0.10
N LYS B 32 10.76 -14.89 0.55
CA LYS B 32 9.87 -15.66 -0.31
C LYS B 32 8.74 -14.78 -0.88
N LYS B 33 8.85 -13.47 -0.64
CA LYS B 33 7.84 -12.49 -1.04
C LYS B 33 6.50 -12.71 -0.33
N GLN B 34 6.56 -13.29 0.87
CA GLN B 34 5.39 -13.41 1.72
C GLN B 34 5.26 -12.12 2.52
N ILE B 35 4.03 -11.61 2.59
CA ILE B 35 3.83 -10.28 3.17
C ILE B 35 3.51 -10.34 4.66
N TYR B 36 4.09 -9.41 5.41
CA TYR B 36 3.84 -9.35 6.84
C TYR B 36 3.70 -7.89 7.24
N ALA B 37 3.20 -7.67 8.44
CA ALA B 37 3.25 -6.35 9.04
C ALA B 37 4.32 -6.41 10.12
N ILE B 38 5.19 -5.42 10.18
CA ILE B 38 6.13 -5.35 11.28
C ILE B 38 5.84 -4.10 12.08
N LYS B 39 5.64 -4.30 13.39
CA LYS B 39 5.37 -3.23 14.32
C LYS B 39 6.70 -2.93 15.03
N TYR B 40 7.18 -1.70 14.90
CA TYR B 40 8.45 -1.30 15.51
C TYR B 40 8.14 -0.34 16.66
N VAL B 41 8.64 -0.66 17.85
CA VAL B 41 8.42 0.22 19.01
C VAL B 41 9.75 0.77 19.49
N ASN B 42 9.86 2.09 19.49
CA ASN B 42 11.02 2.74 20.10
C ASN B 42 10.84 2.82 21.63
N LEU B 43 11.79 2.23 22.35
CA LEU B 43 11.67 2.11 23.80
C LEU B 43 12.30 3.29 24.55
N GLU B 44 13.08 4.10 23.81
CA GLU B 44 13.96 5.10 24.41
C GLU B 44 13.30 5.98 25.46
N GLU B 45 12.02 6.29 25.25
CA GLU B 45 11.29 7.15 26.18
C GLU B 45 10.42 6.40 27.20
N ALA B 46 10.49 5.07 27.20
CA ALA B 46 9.63 4.29 28.08
C ALA B 46 10.15 4.25 29.52
N ASP B 47 9.33 4.76 30.43
CA ASP B 47 9.54 4.53 31.85
C ASP B 47 9.18 3.07 32.16
N ASN B 48 9.63 2.59 33.31
CA ASN B 48 9.45 1.20 33.72
C ASN B 48 8.03 0.64 33.61
N GLN B 49 7.03 1.48 33.90
CA GLN B 49 5.62 1.08 33.78
C GLN B 49 5.21 0.94 32.31
N THR B 50 5.52 1.95 31.51
CA THR B 50 5.28 1.90 30.08
C THR B 50 5.98 0.69 29.50
N LEU B 51 7.24 0.51 29.87
CA LEU B 51 8.03 -0.63 29.40
C LEU B 51 7.36 -1.96 29.74
N ASP B 52 6.92 -2.12 30.98
CA ASP B 52 6.23 -3.35 31.37
C ASP B 52 4.90 -3.53 30.60
N SER B 53 4.28 -2.44 30.18
CA SER B 53 3.02 -2.50 29.46
C SER B 53 3.18 -3.25 28.12
N TYR B 54 4.25 -2.92 27.40
CA TYR B 54 4.56 -3.58 26.14
C TYR B 54 5.02 -5.03 26.34
N ARG B 55 5.62 -5.32 27.49
CA ARG B 55 5.99 -6.70 27.77
C ARG B 55 4.70 -7.48 28.04
N ASN B 56 3.74 -6.81 28.65
CA ASN B 56 2.50 -7.46 29.03
C ASN B 56 1.65 -7.68 27.77
N GLU B 57 1.56 -6.67 26.92
CA GLU B 57 0.87 -6.75 25.63
C GLU B 57 1.41 -7.90 24.76
N ILE B 58 2.73 -8.05 24.72
CA ILE B 58 3.34 -9.10 23.88
C ILE B 58 3.09 -10.50 24.44
N ALA B 59 3.25 -10.65 25.75
CA ALA B 59 2.95 -11.91 26.43
C ALA B 59 1.49 -12.38 26.21
N TYR B 60 0.53 -11.48 26.35
CA TYR B 60 -0.86 -11.84 26.15
C TYR B 60 -1.16 -12.18 24.68
N LEU B 61 -0.72 -11.31 23.78
CA LEU B 61 -0.86 -11.55 22.35
C LEU B 61 -0.28 -12.91 22.01
N ASN B 62 0.90 -13.16 22.54
CA ASN B 62 1.56 -14.43 22.37
C ASN B 62 0.68 -15.55 22.88
N LYS B 63 0.34 -15.47 24.17
CA LYS B 63 -0.46 -16.49 24.85
C LYS B 63 -1.78 -16.84 24.17
N LEU B 64 -2.46 -15.85 23.61
CA LEU B 64 -3.78 -16.06 23.05
C LEU B 64 -3.80 -16.53 21.58
N GLN B 65 -2.63 -16.67 20.96
CA GLN B 65 -2.55 -17.09 19.56
C GLN B 65 -3.42 -18.33 19.34
N GLN B 66 -3.25 -19.31 20.21
CA GLN B 66 -3.87 -20.63 20.04
C GLN B 66 -5.39 -20.65 20.27
N HIS B 67 -5.90 -19.73 21.07
CA HIS B 67 -7.31 -19.75 21.48
C HIS B 67 -8.31 -19.16 20.48
N SER B 68 -7.88 -18.21 19.65
CA SER B 68 -8.77 -17.69 18.61
C SER B 68 -8.01 -17.14 17.40
N ASP B 69 -8.60 -17.29 16.22
CA ASP B 69 -8.01 -16.73 15.03
C ASP B 69 -8.63 -15.37 14.75
N LYS B 70 -9.48 -14.91 15.67
CA LYS B 70 -10.02 -13.56 15.58
C LYS B 70 -9.07 -12.61 16.31
N ILE B 71 -8.02 -13.17 16.87
CA ILE B 71 -6.92 -12.37 17.38
C ILE B 71 -5.86 -12.34 16.28
N ILE B 72 -5.34 -11.15 15.96
CA ILE B 72 -4.24 -11.05 14.97
C ILE B 72 -3.05 -11.96 15.33
N ARG B 73 -2.34 -12.49 14.33
CA ARG B 73 -1.26 -13.45 14.61
C ARG B 73 0.09 -12.76 14.84
N LEU B 74 0.84 -13.23 15.83
CA LEU B 74 2.22 -12.79 16.01
C LEU B 74 3.16 -13.96 15.72
N TYR B 75 3.90 -13.86 14.62
CA TYR B 75 4.75 -14.95 14.15
C TYR B 75 6.09 -15.00 14.85
N ASP B 76 6.57 -13.83 15.25
CA ASP B 76 7.86 -13.69 15.86
C ASP B 76 8.05 -12.26 16.26
N TYR B 77 9.01 -12.05 17.16
CA TYR B 77 9.29 -10.71 17.65
C TYR B 77 10.71 -10.66 18.16
N GLU B 78 11.21 -9.44 18.33
CA GLU B 78 12.55 -9.27 18.87
C GLU B 78 12.48 -8.16 19.89
N ILE B 79 12.94 -8.46 21.09
CA ILE B 79 12.95 -7.44 22.11
C ILE B 79 14.35 -7.25 22.71
N THR B 80 14.80 -6.00 22.70
CA THR B 80 16.05 -5.58 23.33
C THR B 80 15.69 -4.38 24.19
N ASP B 81 16.68 -3.74 24.80
CA ASP B 81 16.38 -2.58 25.63
C ASP B 81 16.00 -1.34 24.80
N GLN B 82 16.61 -1.21 23.62
CA GLN B 82 16.29 -0.12 22.70
C GLN B 82 14.98 -0.26 21.90
N TYR B 83 14.75 -1.44 21.30
CA TYR B 83 13.62 -1.62 20.39
C TYR B 83 12.75 -2.86 20.61
N ILE B 84 11.56 -2.85 19.99
CA ILE B 84 10.78 -4.06 19.77
C ILE B 84 10.42 -4.15 18.28
N TYR B 85 10.68 -5.29 17.65
CA TYR B 85 10.11 -5.60 16.33
C TYR B 85 9.11 -6.70 16.56
N MET B 86 7.91 -6.57 15.99
CA MET B 86 6.91 -7.62 16.04
C MET B 86 6.46 -7.96 14.61
N VAL B 87 6.67 -9.22 14.22
CA VAL B 87 6.18 -9.71 12.93
C VAL B 87 4.79 -10.28 13.12
N MET B 88 3.81 -9.65 12.48
CA MET B 88 2.43 -10.06 12.60
C MET B 88 1.86 -10.27 11.23
N GLU B 89 0.62 -10.77 11.17
CA GLU B 89 -0.04 -10.93 9.88
C GLU B 89 -0.41 -9.55 9.34
N CYS B 90 -0.47 -9.45 8.02
CA CYS B 90 -0.79 -8.19 7.35
C CYS B 90 -2.23 -8.22 6.88
N GLY B 91 -2.95 -7.12 7.10
CA GLY B 91 -4.34 -7.05 6.69
C GLY B 91 -4.55 -6.22 5.43
N ASN B 92 -5.78 -6.26 4.93
CA ASN B 92 -6.20 -5.42 3.82
C ASN B 92 -6.32 -3.95 4.26
N ILE B 93 -7.13 -3.73 5.29
CA ILE B 93 -7.39 -2.38 5.78
C ILE B 93 -7.92 -2.51 7.23
N ASP B 94 -7.71 -1.48 8.06
CA ASP B 94 -8.32 -1.48 9.40
C ASP B 94 -9.79 -1.11 9.24
N LEU B 95 -10.64 -1.44 10.23
CA LEU B 95 -12.08 -1.20 10.12
C LEU B 95 -12.45 0.28 10.05
N ASN B 96 -11.80 1.11 10.85
CA ASN B 96 -12.08 2.56 10.83
C ASN B 96 -11.90 3.21 9.45
N SER B 97 -10.83 2.87 8.75
CA SER B 97 -10.59 3.45 7.43
C SER B 97 -11.66 2.97 6.45
N TRP B 98 -12.07 1.71 6.60
CA TRP B 98 -13.12 1.14 5.76
C TRP B 98 -14.43 1.90 5.96
N LEU B 99 -14.90 1.94 7.20
CA LEU B 99 -16.07 2.72 7.57
C LEU B 99 -16.00 4.17 7.10
N LYS B 100 -14.78 4.71 6.97
CA LYS B 100 -14.63 6.08 6.51
C LYS B 100 -15.04 6.22 5.05
N LYS B 101 -14.83 5.17 4.25
CA LYS B 101 -15.39 5.19 2.91
C LYS B 101 -16.89 5.07 3.15
N LYS B 102 -17.62 6.09 2.74
CA LYS B 102 -18.96 6.31 3.29
C LYS B 102 -19.95 5.37 2.63
N LYS B 103 -19.43 4.51 1.75
CA LYS B 103 -20.22 3.47 1.12
C LYS B 103 -20.88 2.69 2.24
N SER B 104 -22.20 2.59 2.19
CA SER B 104 -22.95 1.90 3.22
C SER B 104 -22.81 0.39 3.04
N ILE B 105 -23.07 -0.35 4.11
CA ILE B 105 -22.53 -1.69 4.24
C ILE B 105 -23.55 -2.84 4.08
N ASP B 106 -23.10 -3.92 3.46
CA ASP B 106 -23.87 -5.14 3.30
C ASP B 106 -24.31 -5.64 4.68
N PRO B 107 -25.64 -5.71 4.91
CA PRO B 107 -26.20 -6.14 6.19
C PRO B 107 -25.65 -7.50 6.62
N TRP B 108 -25.40 -8.38 5.65
CA TRP B 108 -24.84 -9.68 5.95
C TRP B 108 -23.37 -9.55 6.39
N GLU B 109 -22.63 -8.65 5.75
CA GLU B 109 -21.21 -8.46 6.04
C GLU B 109 -21.06 -7.87 7.42
N ARG B 110 -22.00 -6.98 7.78
CA ARG B 110 -22.02 -6.33 9.07
C ARG B 110 -22.21 -7.32 10.22
N LYS B 111 -23.09 -8.28 9.99
CA LYS B 111 -23.42 -9.27 11.02
C LYS B 111 -22.23 -10.21 11.25
N SER B 112 -21.54 -10.55 10.17
CA SER B 112 -20.43 -11.48 10.23
C SER B 112 -19.23 -10.80 10.91
N TYR B 113 -19.12 -9.49 10.67
CA TYR B 113 -18.09 -8.66 11.30
C TYR B 113 -18.37 -8.56 12.79
N TRP B 114 -19.63 -8.30 13.10
CA TRP B 114 -20.07 -8.22 14.49
C TRP B 114 -19.75 -9.52 15.20
N LYS B 115 -19.92 -10.64 14.50
CA LYS B 115 -19.64 -11.94 15.09
C LYS B 115 -18.16 -12.08 15.43
N ASN B 116 -17.28 -11.64 14.52
CA ASN B 116 -15.84 -11.68 14.70
C ASN B 116 -15.38 -10.91 15.94
N MET B 117 -15.86 -9.68 16.05
CA MET B 117 -15.54 -8.82 17.16
C MET B 117 -15.88 -9.50 18.50
N LEU B 118 -17.12 -10.00 18.61
CA LEU B 118 -17.60 -10.71 19.80
C LEU B 118 -16.71 -11.89 20.11
N GLU B 119 -16.35 -12.68 19.10
CA GLU B 119 -15.47 -13.81 19.36
C GLU B 119 -14.10 -13.31 19.89
N ALA B 120 -13.56 -12.27 19.25
CA ALA B 120 -12.28 -11.74 19.68
C ALA B 120 -12.34 -11.17 21.12
N VAL B 121 -13.33 -10.34 21.40
CA VAL B 121 -13.42 -9.75 22.72
C VAL B 121 -13.73 -10.77 23.80
N HIS B 122 -14.62 -11.71 23.49
CA HIS B 122 -14.92 -12.80 24.41
C HIS B 122 -13.64 -13.54 24.84
N THR B 123 -12.74 -13.77 23.89
CA THR B 123 -11.54 -14.57 24.17
C THR B 123 -10.58 -13.82 25.09
N ILE B 124 -10.42 -12.51 24.90
CA ILE B 124 -9.61 -11.75 25.82
C ILE B 124 -10.26 -11.66 27.21
N HIS B 125 -11.58 -11.58 27.22
CA HIS B 125 -12.30 -11.53 28.47
C HIS B 125 -12.11 -12.84 29.24
N GLN B 126 -12.08 -13.96 28.52
CA GLN B 126 -11.92 -15.27 29.17
C GLN B 126 -10.61 -15.43 29.91
N HIS B 127 -9.62 -14.64 29.48
CA HIS B 127 -8.31 -14.53 30.10
C HIS B 127 -8.18 -13.33 31.04
N GLY B 128 -9.29 -12.66 31.30
CA GLY B 128 -9.33 -11.62 32.30
C GLY B 128 -8.77 -10.30 31.81
N ILE B 129 -8.79 -10.11 30.50
CA ILE B 129 -8.40 -8.84 29.92
C ILE B 129 -9.65 -8.08 29.48
N VAL B 130 -9.79 -6.83 29.92
CA VAL B 130 -10.82 -5.92 29.46
C VAL B 130 -10.13 -4.79 28.68
N HIS B 131 -10.33 -4.76 27.37
CA HIS B 131 -9.61 -3.86 26.46
C HIS B 131 -9.66 -2.40 26.91
N SER B 132 -10.88 -1.90 27.11
CA SER B 132 -11.17 -0.54 27.61
C SER B 132 -11.00 0.56 26.59
N ASP B 133 -10.32 0.24 25.50
CA ASP B 133 -10.11 1.18 24.40
C ASP B 133 -10.84 0.90 23.09
N LEU B 134 -11.81 -0.02 23.07
CA LEU B 134 -12.38 -0.48 21.79
C LEU B 134 -12.93 0.60 20.85
N LYS B 135 -12.43 0.58 19.62
CA LYS B 135 -12.71 1.55 18.56
C LYS B 135 -12.68 0.78 17.24
N PRO B 136 -13.25 1.34 16.17
CA PRO B 136 -13.08 0.57 14.94
C PRO B 136 -11.60 0.37 14.55
N ALA B 137 -10.75 1.32 14.91
CA ALA B 137 -9.33 1.25 14.57
C ALA B 137 -8.58 0.06 15.19
N ASN B 138 -9.16 -0.59 16.19
CA ASN B 138 -8.55 -1.77 16.79
C ASN B 138 -8.88 -3.06 16.03
N PHE B 139 -9.67 -2.95 14.97
CA PHE B 139 -10.02 -4.13 14.20
C PHE B 139 -9.46 -4.06 12.79
N LEU B 140 -9.01 -5.22 12.29
CA LEU B 140 -8.33 -5.32 11.02
C LEU B 140 -9.03 -6.34 10.13
N ILE B 141 -9.26 -5.96 8.87
CA ILE B 141 -9.93 -6.84 7.92
C ILE B 141 -8.87 -7.67 7.18
N VAL B 142 -8.86 -8.97 7.42
CA VAL B 142 -7.90 -9.87 6.78
C VAL B 142 -8.73 -10.98 6.15
N ASP B 143 -8.76 -11.01 4.82
CA ASP B 143 -9.60 -11.95 4.06
C ASP B 143 -11.06 -11.98 4.51
N GLY B 144 -11.73 -10.82 4.55
CA GLY B 144 -13.14 -10.76 4.89
C GLY B 144 -13.47 -11.13 6.34
N MET B 145 -12.44 -11.16 7.18
CA MET B 145 -12.58 -11.56 8.57
C MET B 145 -12.05 -10.44 9.45
N LEU B 146 -12.81 -10.00 10.46
CA LEU B 146 -12.29 -8.97 11.36
C LEU B 146 -11.36 -9.63 12.38
N LYS B 147 -10.21 -9.00 12.64
CA LYS B 147 -9.36 -9.49 13.71
C LYS B 147 -9.00 -8.37 14.67
N LEU B 148 -8.87 -8.73 15.94
CA LEU B 148 -8.48 -7.78 16.95
C LEU B 148 -6.94 -7.53 16.88
N ILE B 149 -6.56 -6.26 16.87
CA ILE B 149 -5.16 -5.86 16.77
C ILE B 149 -4.45 -5.79 18.12
N ASP B 150 -4.96 -4.99 19.04
CA ASP B 150 -4.31 -4.84 20.35
C ASP B 150 -5.23 -5.17 21.52
N PHE B 151 -4.65 -5.18 22.71
CA PHE B 151 -5.38 -5.46 23.92
C PHE B 151 -5.72 -4.23 24.77
N GLY B 152 -5.29 -3.06 24.30
CA GLY B 152 -5.49 -1.83 25.05
C GLY B 152 -4.56 -1.72 26.25
N ILE B 153 -3.68 -2.71 26.39
CA ILE B 153 -2.78 -2.85 27.55
C ILE B 153 -1.60 -1.88 27.53
N ALA B 154 -0.93 -1.79 26.38
CA ALA B 154 0.15 -0.84 26.21
C ALA B 154 -0.36 0.55 26.54
N ASN B 155 0.41 1.29 27.33
CA ASN B 155 0.16 2.72 27.48
C ASN B 155 0.83 3.37 26.28
N GLN B 156 0.03 3.98 25.43
CA GLN B 156 0.54 4.66 24.25
C GLN B 156 0.78 6.12 24.61
N MET B 157 2.00 6.58 24.39
CA MET B 157 2.33 7.99 24.59
C MET B 157 3.06 8.54 23.37
N GLN B 158 2.79 9.79 23.04
CA GLN B 158 3.54 10.50 22.03
C GLN B 158 4.97 10.74 22.52
N PRO B 159 5.88 11.08 21.60
CA PRO B 159 7.22 11.47 22.07
C PRO B 159 7.18 12.83 22.77
N GLY B 171 -13.34 8.65 16.50
CA GLY B 171 -13.84 9.54 17.54
C GLY B 171 -13.10 9.33 18.84
N THR B 172 -12.81 10.44 19.52
CA THR B 172 -11.95 10.45 20.73
C THR B 172 -12.65 9.87 21.94
N VAL B 173 -13.69 10.56 22.39
CA VAL B 173 -14.53 10.12 23.51
C VAL B 173 -15.82 9.43 23.09
N ASN B 174 -16.11 9.37 21.79
CA ASN B 174 -17.37 8.80 21.29
C ASN B 174 -17.67 7.39 21.79
N TYR B 175 -16.61 6.63 22.05
CA TYR B 175 -16.75 5.24 22.48
C TYR B 175 -16.65 5.05 24.00
N MET B 176 -16.57 6.16 24.75
CA MET B 176 -16.38 6.09 26.20
C MET B 176 -17.67 5.72 26.95
N PRO B 177 -17.63 4.59 27.67
CA PRO B 177 -18.77 4.15 28.50
C PRO B 177 -18.98 5.10 29.68
N PRO B 178 -20.24 5.23 30.15
CA PRO B 178 -20.63 6.15 31.23
C PRO B 178 -20.00 5.84 32.58
N GLU B 179 -19.72 4.57 32.86
CA GLU B 179 -19.10 4.19 34.12
C GLU B 179 -17.66 4.70 34.21
N ALA B 180 -16.95 4.70 33.09
CA ALA B 180 -15.59 5.21 33.03
C ALA B 180 -15.59 6.65 33.51
N ILE B 181 -16.51 7.43 32.97
CA ILE B 181 -16.63 8.85 33.29
C ILE B 181 -17.00 9.14 34.76
N LYS B 182 -17.93 8.37 35.32
CA LYS B 182 -18.35 8.60 36.70
C LYS B 182 -17.38 8.03 37.73
N ASP B 183 -16.31 7.38 37.25
CA ASP B 183 -15.32 6.75 38.11
C ASP B 183 -14.17 7.70 38.47
N MET B 184 -14.33 8.97 38.11
CA MET B 184 -13.31 9.98 38.42
C MET B 184 -13.28 10.33 39.91
N ILE B 197 -12.63 -2.46 36.70
CA ILE B 197 -13.22 -2.28 35.38
C ILE B 197 -14.02 -3.52 34.93
N SER B 198 -15.23 -3.31 34.45
CA SER B 198 -16.06 -4.44 34.05
C SER B 198 -15.83 -4.82 32.59
N PRO B 199 -15.89 -6.14 32.30
CA PRO B 199 -15.99 -6.58 30.91
C PRO B 199 -17.12 -5.83 30.19
N LYS B 200 -18.17 -5.47 30.91
CA LYS B 200 -19.26 -4.68 30.35
C LYS B 200 -18.81 -3.36 29.71
N SER B 201 -17.64 -2.86 30.05
CA SER B 201 -17.11 -1.68 29.38
C SER B 201 -16.89 -1.96 27.89
N ASP B 202 -16.41 -3.15 27.56
CA ASP B 202 -16.18 -3.43 26.16
C ASP B 202 -17.52 -3.62 25.39
N VAL B 203 -18.58 -4.03 26.10
CA VAL B 203 -19.86 -4.19 25.43
C VAL B 203 -20.35 -2.83 24.97
N TRP B 204 -20.24 -1.81 25.83
CA TRP B 204 -20.70 -0.49 25.46
C TRP B 204 -19.98 -0.02 24.20
N SER B 205 -18.67 -0.23 24.14
CA SER B 205 -17.90 0.29 23.01
C SER B 205 -18.12 -0.52 21.75
N LEU B 206 -18.20 -1.84 21.92
CA LEU B 206 -18.63 -2.70 20.82
C LEU B 206 -20.01 -2.21 20.32
N GLY B 207 -20.87 -1.84 21.25
CA GLY B 207 -22.19 -1.36 20.89
C GLY B 207 -22.12 -0.11 20.02
N CYS B 208 -21.24 0.82 20.41
CA CYS B 208 -21.07 2.06 19.65
C CYS B 208 -20.55 1.80 18.23
N ILE B 209 -19.72 0.77 18.08
CA ILE B 209 -19.21 0.41 16.77
C ILE B 209 -20.32 -0.18 15.92
N LEU B 210 -21.19 -1.00 16.54
CA LEU B 210 -22.27 -1.58 15.76
C LEU B 210 -23.25 -0.49 15.38
N TYR B 211 -23.56 0.39 16.34
CA TYR B 211 -24.41 1.54 16.08
C TYR B 211 -23.96 2.30 14.84
N TYR B 212 -22.65 2.46 14.70
CA TYR B 212 -22.07 3.17 13.56
C TYR B 212 -22.20 2.37 12.27
N MET B 213 -22.14 1.04 12.36
CA MET B 213 -22.27 0.21 11.17
C MET B 213 -23.73 0.11 10.72
N THR B 214 -24.62 0.64 11.57
CA THR B 214 -26.06 0.60 11.38
C THR B 214 -26.56 1.98 10.91
N TYR B 215 -26.35 3.00 11.76
CA TYR B 215 -26.77 4.36 11.45
C TYR B 215 -25.70 5.31 10.87
N GLY B 216 -24.48 4.82 10.65
CA GLY B 216 -23.42 5.65 10.10
C GLY B 216 -23.00 6.83 10.97
N LYS B 217 -23.23 6.72 12.28
CA LYS B 217 -22.74 7.72 13.23
C LYS B 217 -22.59 7.04 14.58
N THR B 218 -21.85 7.64 15.50
CA THR B 218 -21.81 7.16 16.88
C THR B 218 -23.00 7.77 17.60
N PRO B 219 -23.46 7.15 18.71
CA PRO B 219 -24.71 7.60 19.34
C PRO B 219 -24.73 9.09 19.70
N PHE B 220 -23.63 9.55 20.28
CA PHE B 220 -23.47 10.94 20.72
C PHE B 220 -22.71 11.84 19.74
N GLN B 221 -22.42 11.32 18.54
CA GLN B 221 -21.62 12.00 17.52
C GLN B 221 -22.02 13.46 17.28
N GLN B 222 -23.33 13.70 17.18
CA GLN B 222 -23.88 15.04 16.92
C GLN B 222 -23.39 16.11 17.92
N ILE B 223 -23.32 15.76 19.20
CA ILE B 223 -22.80 16.66 20.21
C ILE B 223 -21.36 17.00 19.87
N ILE B 224 -20.99 18.24 20.10
CA ILE B 224 -19.65 18.74 19.78
C ILE B 224 -18.92 19.12 21.06
N ASN B 225 -19.51 20.02 21.84
CA ASN B 225 -18.96 20.38 23.14
C ASN B 225 -18.74 19.12 24.00
N GLN B 226 -17.49 18.92 24.41
CA GLN B 226 -17.05 17.64 24.95
C GLN B 226 -17.53 17.45 26.39
N ILE B 227 -17.69 18.57 27.11
CA ILE B 227 -18.24 18.55 28.46
C ILE B 227 -19.74 18.24 28.43
N SER B 228 -20.43 18.81 27.45
CA SER B 228 -21.84 18.48 27.23
C SER B 228 -21.95 17.00 26.87
N LYS B 229 -21.18 16.57 25.88
CA LYS B 229 -21.22 15.19 25.42
C LYS B 229 -20.95 14.19 26.54
N LEU B 230 -19.90 14.41 27.31
CA LEU B 230 -19.60 13.53 28.45
C LEU B 230 -20.78 13.51 29.41
N HIS B 231 -21.42 14.66 29.59
CA HIS B 231 -22.62 14.73 30.41
C HIS B 231 -23.79 13.97 29.76
N ALA B 232 -23.92 14.10 28.43
CA ALA B 232 -24.98 13.39 27.73
C ALA B 232 -24.85 11.87 27.91
N ILE B 233 -23.63 11.36 27.73
CA ILE B 233 -23.33 9.94 27.89
C ILE B 233 -23.72 9.41 29.27
N ILE B 234 -23.55 10.22 30.31
CA ILE B 234 -23.94 9.79 31.67
C ILE B 234 -25.36 10.20 32.10
N ASP B 235 -26.04 11.01 31.30
CA ASP B 235 -27.39 11.48 31.64
C ASP B 235 -28.51 10.59 31.08
N PRO B 236 -29.23 9.87 31.98
CA PRO B 236 -30.34 8.98 31.59
C PRO B 236 -31.48 9.73 30.94
N ASN B 237 -31.67 10.98 31.36
CA ASN B 237 -32.68 11.85 30.75
C ASN B 237 -32.30 12.16 29.31
N HIS B 238 -31.01 12.16 29.01
CA HIS B 238 -30.62 12.16 27.60
C HIS B 238 -30.92 10.77 27.07
N GLU B 239 -31.59 10.70 25.94
CA GLU B 239 -32.05 9.43 25.41
C GLU B 239 -31.49 9.19 24.01
N ILE B 240 -30.98 7.98 23.80
CA ILE B 240 -30.39 7.60 22.51
C ILE B 240 -31.46 7.22 21.48
N GLU B 241 -31.44 7.93 20.36
CA GLU B 241 -32.30 7.60 19.23
C GLU B 241 -31.92 6.23 18.66
N PHE B 242 -32.93 5.39 18.42
CA PHE B 242 -32.72 4.15 17.70
C PHE B 242 -33.75 4.03 16.58
N PRO B 243 -33.56 4.81 15.50
CA PRO B 243 -34.53 4.81 14.40
C PRO B 243 -34.87 3.40 13.96
N ASP B 244 -36.16 3.10 13.76
CA ASP B 244 -36.58 1.76 13.36
C ASP B 244 -35.88 1.36 12.07
N ILE B 245 -35.58 0.08 11.94
CA ILE B 245 -34.90 -0.49 10.78
C ILE B 245 -35.49 -1.88 10.47
N PRO B 246 -35.30 -2.38 9.23
CA PRO B 246 -35.85 -3.71 8.92
C PRO B 246 -35.43 -4.81 9.90
N GLU B 247 -34.14 -4.91 10.24
CA GLU B 247 -33.72 -5.95 11.19
C GLU B 247 -34.07 -5.46 12.60
N LYS B 248 -34.99 -6.16 13.26
CA LYS B 248 -35.38 -5.77 14.60
C LYS B 248 -34.48 -6.39 15.65
N ASP B 249 -33.77 -7.44 15.25
CA ASP B 249 -32.82 -8.11 16.11
C ASP B 249 -31.64 -7.16 16.36
N LEU B 250 -31.06 -6.65 15.26
CA LEU B 250 -30.02 -5.65 15.30
C LEU B 250 -30.42 -4.50 16.22
N GLN B 251 -31.66 -4.05 16.09
CA GLN B 251 -32.15 -2.93 16.88
C GLN B 251 -32.18 -3.28 18.36
N ASP B 252 -32.56 -4.51 18.68
CA ASP B 252 -32.53 -4.96 20.07
C ASP B 252 -31.08 -5.04 20.61
N VAL B 253 -30.14 -5.45 19.76
CA VAL B 253 -28.76 -5.62 20.19
C VAL B 253 -28.22 -4.28 20.63
N LEU B 254 -28.36 -3.28 19.76
CA LEU B 254 -28.00 -1.91 20.05
C LEU B 254 -28.54 -1.43 21.39
N LYS B 255 -29.83 -1.65 21.62
CA LYS B 255 -30.45 -1.17 22.84
C LYS B 255 -29.89 -1.86 24.08
N CYS B 256 -29.54 -3.14 23.95
CA CYS B 256 -28.99 -3.87 25.09
C CYS B 256 -27.52 -3.47 25.42
N CYS B 257 -26.69 -3.32 24.39
CA CYS B 257 -25.32 -2.81 24.53
C CYS B 257 -25.26 -1.39 25.07
N LEU B 258 -26.23 -0.56 24.67
CA LEU B 258 -26.22 0.85 25.00
C LEU B 258 -26.96 1.20 26.31
N LYS B 259 -27.28 0.19 27.12
CA LYS B 259 -27.77 0.44 28.47
C LYS B 259 -26.69 1.04 29.39
N ARG B 260 -27.02 2.16 30.04
CA ARG B 260 -26.06 2.90 30.86
C ARG B 260 -25.60 2.16 32.13
N ASP B 261 -26.51 1.37 32.71
CA ASP B 261 -26.19 0.58 33.89
C ASP B 261 -25.45 -0.69 33.50
N PRO B 262 -24.16 -0.80 33.88
CA PRO B 262 -23.36 -1.96 33.51
C PRO B 262 -24.04 -3.26 33.90
N LYS B 263 -24.57 -3.34 35.12
CA LYS B 263 -25.37 -4.49 35.55
C LYS B 263 -26.53 -4.83 34.59
N GLN B 264 -27.23 -3.80 34.10
CA GLN B 264 -28.34 -4.00 33.15
C GLN B 264 -27.89 -4.39 31.73
N ARG B 265 -26.84 -3.73 31.26
CA ARG B 265 -26.29 -3.93 29.92
C ARG B 265 -25.98 -5.41 29.65
N ILE B 266 -26.23 -5.85 28.42
CA ILE B 266 -26.03 -7.26 28.07
C ILE B 266 -24.54 -7.66 28.15
N SER B 267 -24.27 -8.92 28.52
CA SER B 267 -22.91 -9.40 28.57
C SER B 267 -22.50 -9.93 27.19
N ILE B 268 -21.22 -10.29 27.05
CA ILE B 268 -20.76 -10.96 25.83
C ILE B 268 -21.25 -12.40 25.61
N PRO B 269 -21.25 -13.25 26.67
CA PRO B 269 -21.80 -14.59 26.39
C PRO B 269 -23.27 -14.56 25.97
N GLU B 270 -24.07 -13.64 26.50
CA GLU B 270 -25.43 -13.43 26.03
C GLU B 270 -25.45 -12.97 24.58
N LEU B 271 -24.60 -12.01 24.24
CA LEU B 271 -24.56 -11.51 22.87
C LEU B 271 -24.28 -12.65 21.92
N LEU B 272 -23.44 -13.58 22.37
CA LEU B 272 -23.11 -14.74 21.54
C LEU B 272 -24.36 -15.62 21.28
N ALA B 273 -25.33 -15.58 22.19
CA ALA B 273 -26.55 -16.39 22.09
C ALA B 273 -27.75 -15.64 21.49
N HIS B 274 -27.56 -14.38 21.11
CA HIS B 274 -28.67 -13.52 20.65
C HIS B 274 -29.10 -13.90 19.22
N PRO B 275 -30.41 -13.82 18.93
CA PRO B 275 -30.88 -14.22 17.60
C PRO B 275 -30.14 -13.49 16.48
N TYR B 276 -29.83 -12.22 16.71
CA TYR B 276 -29.08 -11.44 15.75
C TYR B 276 -27.80 -12.13 15.22
N VAL B 277 -26.99 -12.71 16.08
CA VAL B 277 -25.83 -13.43 15.55
C VAL B 277 -26.06 -14.91 15.28
N GLN B 278 -27.10 -15.46 15.87
CA GLN B 278 -27.35 -16.89 15.71
C GLN B 278 -28.35 -17.24 14.61
N ILE B 279 -29.08 -16.25 14.12
CA ILE B 279 -30.15 -16.51 13.14
C ILE B 279 -29.94 -15.78 11.81
#